data_3ME8
#
_entry.id   3ME8
#
_cell.length_a   68.574
_cell.length_b   134.767
_cell.length_c   37.333
_cell.angle_alpha   90.000
_cell.angle_beta   90.000
_cell.angle_gamma   90.000
#
_symmetry.space_group_name_H-M   'P 21 21 2'
#
loop_
_entity.id
_entity.type
_entity.pdbx_description
1 polymer 'Putative uncharacterized protein'
2 water water
#
_entity_poly.entity_id   1
_entity_poly.type   'polypeptide(L)'
_entity_poly.pdbx_seq_one_letter_code
;MSLGTYVPGDITLVDSYGNEFQLKNLKGKPIILSPIYTHCRAACPLITKSLLKVIPKLGTPGKDFWVITFTFDPKDTLED
IKRFQKEYGIDGKGWKVVKAKTSEDLFKLLDAIDFRFMTAGNDFIHPNVVVVLSPELQIKDYIYGVNYNYLEFVNALRLA
RGEGHHHHHH
;
_entity_poly.pdbx_strand_id   A,B
#
# COMPACT_ATOMS: atom_id res chain seq x y z
N SER A 2 6.14 -9.71 -5.93
CA SER A 2 6.05 -9.51 -7.39
C SER A 2 5.13 -10.57 -7.97
N LEU A 3 4.12 -10.14 -8.72
CA LEU A 3 3.17 -11.07 -9.34
C LEU A 3 3.90 -12.12 -10.17
N GLY A 4 3.52 -13.39 -9.96
CA GLY A 4 4.07 -14.49 -10.75
C GLY A 4 5.29 -15.14 -10.12
N THR A 5 5.90 -14.45 -9.15
CA THR A 5 7.04 -15.06 -8.46
C THR A 5 6.56 -15.88 -7.27
N TYR A 6 7.49 -16.68 -6.72
CA TYR A 6 7.14 -17.65 -5.69
C TYR A 6 7.67 -17.21 -4.34
N VAL A 7 6.86 -17.39 -3.31
CA VAL A 7 7.35 -17.20 -1.95
C VAL A 7 8.13 -18.45 -1.55
N PRO A 8 9.37 -18.30 -1.06
CA PRO A 8 10.19 -19.46 -0.66
C PRO A 8 9.48 -20.39 0.31
N GLY A 9 9.49 -21.68 -0.04
CA GLY A 9 8.76 -22.68 0.75
C GLY A 9 9.47 -23.04 2.05
N ASP A 10 10.76 -22.72 2.16
CA ASP A 10 11.48 -23.12 3.36
C ASP A 10 11.47 -22.07 4.47
N ILE A 11 10.66 -21.02 4.30
CA ILE A 11 10.41 -20.06 5.37
C ILE A 11 9.77 -20.77 6.57
N THR A 12 10.37 -20.59 7.74
CA THR A 12 9.84 -21.19 8.95
C THR A 12 8.99 -20.17 9.70
N LEU A 13 7.75 -20.56 9.98
CA LEU A 13 6.77 -19.74 10.71
C LEU A 13 6.43 -20.44 12.01
N VAL A 14 6.01 -19.66 13.00
CA VAL A 14 5.57 -20.20 14.28
C VAL A 14 4.18 -19.63 14.57
N ASP A 15 3.20 -20.51 14.74
CA ASP A 15 1.83 -20.07 15.00
C ASP A 15 1.61 -19.68 16.46
N SER A 16 0.45 -19.13 16.75
CA SER A 16 0.17 -18.57 18.06
C SER A 16 0.04 -19.64 19.14
N TYR A 17 0.07 -20.91 18.75
CA TYR A 17 0.16 -22.04 19.72
C TYR A 17 1.57 -22.57 19.92
N GLY A 18 2.54 -22.01 19.21
CA GLY A 18 3.92 -22.45 19.31
C GLY A 18 4.29 -23.54 18.32
N ASN A 19 3.36 -23.92 17.45
CA ASN A 19 3.65 -24.90 16.40
C ASN A 19 4.50 -24.30 15.31
N GLU A 20 5.63 -24.94 15.02
CA GLU A 20 6.50 -24.50 13.93
C GLU A 20 6.17 -25.24 12.66
N PHE A 21 6.23 -24.54 11.53
CA PHE A 21 6.05 -25.20 10.26
C PHE A 21 6.74 -24.41 9.19
N GLN A 22 6.97 -25.06 8.05
CA GLN A 22 7.51 -24.35 6.91
C GLN A 22 6.38 -23.98 5.97
N LEU A 23 6.55 -22.87 5.25
CA LEU A 23 5.46 -22.41 4.40
C LEU A 23 5.02 -23.49 3.40
N LYS A 24 5.97 -24.28 2.92
CA LYS A 24 5.65 -25.34 1.96
C LYS A 24 4.69 -26.38 2.55
N ASN A 25 4.59 -26.46 3.88
CA ASN A 25 3.65 -27.40 4.50
C ASN A 25 2.18 -27.03 4.22
N LEU A 26 1.94 -25.79 3.83
CA LEU A 26 0.56 -25.34 3.55
C LEU A 26 0.20 -25.48 2.08
N LYS A 27 1.08 -26.04 1.27
CA LYS A 27 0.78 -26.19 -0.16
C LYS A 27 -0.43 -27.07 -0.33
N GLY A 28 -1.16 -26.86 -1.42
CA GLY A 28 -2.35 -27.65 -1.73
C GLY A 28 -3.64 -26.87 -1.73
N LYS A 29 -3.63 -25.68 -1.11
CA LYS A 29 -4.78 -24.75 -1.10
C LYS A 29 -4.26 -23.36 -1.33
N PRO A 30 -5.11 -22.48 -1.90
CA PRO A 30 -4.70 -21.07 -1.95
C PRO A 30 -4.43 -20.54 -0.56
N ILE A 31 -3.59 -19.53 -0.47
CA ILE A 31 -3.19 -18.96 0.81
C ILE A 31 -3.40 -17.46 0.75
N ILE A 32 -4.10 -16.92 1.75
CA ILE A 32 -4.33 -15.47 1.87
C ILE A 32 -3.39 -15.00 2.99
N LEU A 33 -2.47 -14.09 2.63
CA LEU A 33 -1.42 -13.62 3.56
CA LEU A 33 -1.42 -13.64 3.54
C LEU A 33 -1.70 -12.19 3.93
N SER A 34 -1.69 -11.90 5.23
CA SER A 34 -1.99 -10.56 5.75
C SER A 34 -0.85 -10.05 6.65
N PRO A 35 0.09 -9.24 6.11
CA PRO A 35 1.12 -8.68 7.01
C PRO A 35 0.57 -7.56 7.87
N ILE A 36 0.83 -7.67 9.17
CA ILE A 36 0.42 -6.69 10.17
C ILE A 36 1.52 -6.60 11.24
N TYR A 37 1.33 -5.73 12.24
CA TYR A 37 2.08 -5.88 13.50
C TYR A 37 1.10 -5.81 14.64
N THR A 38 1.36 -6.54 15.71
CA THR A 38 0.33 -6.71 16.75
C THR A 38 0.05 -5.45 17.57
N HIS A 39 1.01 -4.53 17.67
CA HIS A 39 0.80 -3.30 18.45
C HIS A 39 0.24 -2.10 17.64
N CYS A 40 -0.04 -2.32 16.36
CA CYS A 40 -0.66 -1.32 15.52
C CYS A 40 -2.09 -1.06 15.94
N ARG A 41 -2.41 0.18 16.19
CA ARG A 41 -3.77 0.51 16.54
C ARG A 41 -4.44 1.31 15.44
N ALA A 42 -3.80 1.39 14.30
CA ALA A 42 -4.27 2.17 13.22
C ALA A 42 -4.76 1.32 12.03
N ALA A 43 -3.94 1.16 11.02
CA ALA A 43 -4.33 0.35 9.89
C ALA A 43 -4.59 -1.13 10.15
N CYS A 44 -3.79 -1.79 10.94
CA CYS A 44 -3.90 -3.24 11.08
C CYS A 44 -5.20 -3.77 11.67
N PRO A 45 -5.76 -3.11 12.67
CA PRO A 45 -7.11 -3.52 13.08
C PRO A 45 -8.13 -3.35 11.93
N LEU A 46 -7.98 -2.32 11.11
CA LEU A 46 -8.91 -2.09 9.99
C LEU A 46 -8.80 -3.22 8.97
N ILE A 47 -7.57 -3.56 8.61
CA ILE A 47 -7.30 -4.66 7.70
C ILE A 47 -7.92 -5.93 8.25
N THR A 48 -7.65 -6.23 9.52
CA THR A 48 -8.05 -7.50 10.04
C THR A 48 -9.59 -7.55 10.17
N LYS A 49 -10.19 -6.44 10.58
CA LYS A 49 -11.66 -6.40 10.72
C LYS A 49 -12.30 -6.52 9.34
N SER A 50 -11.69 -5.94 8.32
CA SER A 50 -12.22 -6.04 6.96
C SER A 50 -12.13 -7.48 6.45
N LEU A 51 -11.00 -8.14 6.71
CA LEU A 51 -10.88 -9.57 6.45
C LEU A 51 -11.93 -10.41 7.19
N LEU A 52 -12.19 -10.10 8.46
CA LEU A 52 -13.18 -10.88 9.20
C LEU A 52 -14.56 -10.81 8.55
N LYS A 53 -14.81 -9.72 7.83
CA LYS A 53 -16.10 -9.51 7.17
C LYS A 53 -16.17 -10.09 5.75
N VAL A 54 -15.04 -10.23 5.06
CA VAL A 54 -15.06 -10.79 3.72
C VAL A 54 -14.78 -12.29 3.69
N ILE A 55 -13.89 -12.77 4.54
CA ILE A 55 -13.50 -14.19 4.52
C ILE A 55 -14.70 -15.16 4.59
N PRO A 56 -15.64 -14.96 5.54
CA PRO A 56 -16.77 -15.90 5.59
C PRO A 56 -17.63 -15.97 4.32
N LYS A 57 -17.56 -14.97 3.46
CA LYS A 57 -18.29 -15.04 2.19
C LYS A 57 -17.63 -16.00 1.20
N LEU A 58 -16.34 -16.26 1.39
CA LEU A 58 -15.51 -16.88 0.35
C LEU A 58 -15.39 -18.37 0.53
N GLY A 59 -15.42 -18.81 1.77
CA GLY A 59 -15.19 -20.20 2.10
C GLY A 59 -14.77 -20.38 3.54
N THR A 60 -14.28 -21.58 3.83
CA THR A 60 -13.92 -21.96 5.18
C THR A 60 -12.40 -22.06 5.28
N PRO A 61 -11.79 -21.21 6.11
CA PRO A 61 -10.35 -21.33 6.32
C PRO A 61 -9.98 -22.74 6.83
N GLY A 62 -8.91 -23.31 6.28
CA GLY A 62 -8.44 -24.66 6.62
C GLY A 62 -9.04 -25.70 5.70
N LYS A 63 -10.03 -25.31 4.93
CA LYS A 63 -10.64 -26.22 3.96
C LYS A 63 -10.49 -25.69 2.52
N ASP A 64 -11.07 -24.53 2.24
CA ASP A 64 -11.03 -23.96 0.90
C ASP A 64 -9.76 -23.19 0.60
N PHE A 65 -9.14 -22.66 1.67
CA PHE A 65 -7.91 -21.89 1.58
C PHE A 65 -7.37 -21.74 3.01
N TRP A 66 -6.10 -21.35 3.14
CA TRP A 66 -5.51 -21.01 4.42
C TRP A 66 -5.54 -19.49 4.51
N VAL A 67 -5.78 -18.98 5.72
CA VAL A 67 -5.56 -17.54 5.98
C VAL A 67 -4.42 -17.46 6.96
N ILE A 68 -3.46 -16.59 6.66
CA ILE A 68 -2.25 -16.42 7.48
C ILE A 68 -2.06 -14.94 7.77
N THR A 69 -2.40 -14.56 8.99
CA THR A 69 -2.02 -13.25 9.50
C THR A 69 -0.61 -13.40 10.02
N PHE A 70 0.31 -12.57 9.55
CA PHE A 70 1.67 -12.64 10.06
CA PHE A 70 1.71 -12.64 9.93
C PHE A 70 2.19 -11.30 10.50
N THR A 71 2.92 -11.31 11.60
CA THR A 71 3.52 -10.07 12.11
C THR A 71 4.89 -9.85 11.50
N PHE A 72 5.11 -8.62 11.05
CA PHE A 72 6.42 -8.23 10.53
C PHE A 72 7.29 -7.50 11.55
N ASP A 73 6.80 -7.40 12.79
CA ASP A 73 7.56 -6.72 13.83
C ASP A 73 8.44 -7.77 14.50
N PRO A 74 9.77 -7.67 14.32
CA PRO A 74 10.54 -8.82 14.79
C PRO A 74 10.67 -8.88 16.30
N LYS A 75 10.02 -7.95 17.02
CA LYS A 75 9.97 -7.98 18.47
CA LYS A 75 9.96 -7.93 18.47
C LYS A 75 8.71 -8.66 19.00
N ASP A 76 7.77 -8.94 18.10
CA ASP A 76 6.56 -9.67 18.51
C ASP A 76 6.94 -11.11 18.86
N THR A 77 6.44 -11.56 20.00
CA THR A 77 6.72 -12.89 20.52
C THR A 77 5.44 -13.72 20.43
N LEU A 78 5.54 -14.98 20.81
CA LEU A 78 4.40 -15.87 20.83
C LEU A 78 3.24 -15.29 21.65
N GLU A 79 3.57 -14.68 22.78
CA GLU A 79 2.56 -14.07 23.63
C GLU A 79 1.78 -12.96 22.87
N ASP A 80 2.51 -12.17 22.08
CA ASP A 80 1.90 -11.11 21.27
C ASP A 80 0.95 -11.66 20.21
N ILE A 81 1.40 -12.67 19.47
CA ILE A 81 0.52 -13.23 18.44
C ILE A 81 -0.68 -14.00 19.02
N LYS A 82 -0.51 -14.65 20.18
CA LYS A 82 -1.65 -15.30 20.85
C LYS A 82 -2.68 -14.25 21.29
N ARG A 83 -2.20 -13.13 21.81
CA ARG A 83 -3.07 -12.02 22.17
C ARG A 83 -3.86 -11.45 20.98
N PHE A 84 -3.18 -11.30 19.84
CA PHE A 84 -3.82 -10.83 18.62
C PHE A 84 -4.91 -11.83 18.18
N GLN A 85 -4.57 -13.10 18.14
CA GLN A 85 -5.52 -14.15 17.79
C GLN A 85 -6.81 -14.08 18.62
N LYS A 86 -6.65 -14.01 19.94
CA LYS A 86 -7.82 -13.95 20.84
C LYS A 86 -8.63 -12.67 20.62
N GLU A 87 -7.94 -11.58 20.38
CA GLU A 87 -8.57 -10.29 20.24
C GLU A 87 -9.61 -10.29 19.11
N TYR A 88 -9.23 -10.92 18.00
CA TYR A 88 -10.10 -10.91 16.82
C TYR A 88 -10.98 -12.15 16.66
N GLY A 89 -10.89 -13.06 17.63
CA GLY A 89 -11.67 -14.31 17.59
C GLY A 89 -11.22 -15.26 16.49
N ILE A 90 -9.97 -15.10 16.05
CA ILE A 90 -9.42 -15.93 14.97
C ILE A 90 -9.26 -17.36 15.47
N ASP A 91 -9.68 -18.34 14.66
CA ASP A 91 -9.69 -19.74 15.12
C ASP A 91 -8.30 -20.29 15.43
N GLY A 92 -7.31 -19.85 14.66
CA GLY A 92 -5.92 -20.20 14.93
C GLY A 92 -5.40 -21.40 14.18
N LYS A 93 -6.31 -22.14 13.54
CA LYS A 93 -5.95 -23.33 12.78
C LYS A 93 -6.15 -23.13 11.26
N GLY A 94 -7.37 -22.84 10.81
CA GLY A 94 -7.62 -22.56 9.38
C GLY A 94 -7.15 -21.16 9.04
N TRP A 95 -7.40 -20.28 10.00
CA TRP A 95 -6.85 -18.93 9.94
C TRP A 95 -5.83 -18.85 11.05
N LYS A 96 -4.54 -18.73 10.70
CA LYS A 96 -3.45 -18.76 11.68
C LYS A 96 -2.97 -17.36 11.93
N VAL A 97 -2.43 -17.13 13.13
CA VAL A 97 -1.66 -15.89 13.40
C VAL A 97 -0.26 -16.37 13.72
N VAL A 98 0.71 -15.89 12.95
CA VAL A 98 2.07 -16.44 13.00
C VAL A 98 3.13 -15.36 13.04
N LYS A 99 4.31 -15.79 13.47
CA LYS A 99 5.51 -14.95 13.36
C LYS A 99 6.59 -15.72 12.61
N ALA A 100 7.58 -15.01 12.07
CA ALA A 100 8.75 -15.65 11.46
C ALA A 100 9.67 -16.16 12.56
N LYS A 101 10.26 -17.33 12.32
CA LYS A 101 11.17 -17.95 13.29
C LYS A 101 12.38 -17.05 13.53
N THR A 102 13.05 -16.63 12.45
CA THR A 102 14.20 -15.74 12.59
C THR A 102 14.05 -14.55 11.64
N SER A 103 14.98 -13.62 11.76
CA SER A 103 14.99 -12.48 10.85
C SER A 103 15.18 -12.88 9.40
N GLU A 104 15.89 -13.99 9.14
CA GLU A 104 16.03 -14.46 7.75
C GLU A 104 14.68 -14.89 7.19
N ASP A 105 13.90 -15.57 8.00
CA ASP A 105 12.57 -15.97 7.55
C ASP A 105 11.73 -14.73 7.25
N LEU A 106 11.80 -13.75 8.14
CA LEU A 106 11.05 -12.52 7.99
C LEU A 106 11.43 -11.75 6.73
N PHE A 107 12.73 -11.48 6.54
CA PHE A 107 13.32 -10.81 5.31
CA PHE A 107 13.03 -10.66 5.41
C PHE A 107 12.83 -11.45 4.06
N LYS A 108 12.99 -12.77 4.03
CA LYS A 108 12.71 -13.56 2.83
C LYS A 108 11.24 -13.46 2.45
N LEU A 109 10.37 -13.56 3.45
CA LEU A 109 8.94 -13.41 3.19
C LEU A 109 8.61 -12.03 2.66
N LEU A 110 9.06 -10.99 3.39
CA LEU A 110 8.75 -9.64 2.98
C LEU A 110 9.38 -9.30 1.62
N ASP A 111 10.59 -9.80 1.38
CA ASP A 111 11.26 -9.56 0.10
C ASP A 111 10.46 -10.15 -1.05
N ALA A 112 9.92 -11.35 -0.83
CA ALA A 112 9.20 -12.03 -1.90
C ALA A 112 7.92 -11.27 -2.31
N ILE A 113 7.23 -10.72 -1.31
CA ILE A 113 5.99 -9.99 -1.56
C ILE A 113 6.18 -8.48 -1.72
N ASP A 114 7.43 -8.07 -1.90
CA ASP A 114 7.78 -6.65 -2.15
C ASP A 114 7.27 -5.70 -1.09
N PHE A 115 7.35 -6.11 0.17
CA PHE A 115 6.81 -5.33 1.29
C PHE A 115 7.94 -4.67 2.05
N ARG A 116 7.83 -3.37 2.28
CA ARG A 116 8.81 -2.71 3.10
C ARG A 116 8.15 -1.83 4.15
N PHE A 117 8.81 -1.71 5.30
CA PHE A 117 8.29 -0.87 6.36
C PHE A 117 9.41 -0.01 6.88
N MET A 118 9.05 1.05 7.59
CA MET A 118 10.02 1.98 8.14
C MET A 118 9.52 2.50 9.47
N THR A 119 10.45 2.81 10.38
CA THR A 119 10.10 3.30 11.71
C THR A 119 9.49 4.69 11.60
N ALA A 120 8.46 4.96 12.40
CA ALA A 120 7.91 6.30 12.55
C ALA A 120 7.63 6.45 14.04
N GLY A 121 8.57 7.07 14.74
CA GLY A 121 8.57 7.11 16.20
C GLY A 121 8.41 5.70 16.73
N ASN A 122 7.27 5.46 17.38
CA ASN A 122 6.99 4.19 18.01
C ASN A 122 6.18 3.24 17.12
N ASP A 123 5.80 3.73 15.95
CA ASP A 123 4.98 2.99 15.00
C ASP A 123 5.83 2.59 13.81
N PHE A 124 5.20 1.91 12.86
CA PHE A 124 5.80 1.64 11.58
C PHE A 124 4.95 2.27 10.48
N ILE A 125 5.61 2.82 9.46
CA ILE A 125 4.93 3.20 8.22
C ILE A 125 5.10 2.01 7.28
N HIS A 126 4.01 1.65 6.59
CA HIS A 126 3.98 0.44 5.76
C HIS A 126 2.73 0.46 4.84
N PRO A 127 2.73 -0.36 3.79
CA PRO A 127 1.56 -0.46 2.92
C PRO A 127 0.46 -1.36 3.54
N ASN A 128 -0.77 -1.17 3.09
CA ASN A 128 -1.89 -1.99 3.51
C ASN A 128 -2.13 -2.96 2.39
N VAL A 129 -1.81 -4.24 2.64
CA VAL A 129 -1.89 -5.23 1.56
C VAL A 129 -2.24 -6.62 2.07
N VAL A 130 -2.99 -7.36 1.23
CA VAL A 130 -3.24 -8.78 1.44
C VAL A 130 -2.77 -9.46 0.17
N VAL A 131 -2.03 -10.56 0.31
CA VAL A 131 -1.46 -11.26 -0.83
C VAL A 131 -2.14 -12.58 -0.97
N VAL A 132 -2.45 -12.96 -2.23
CA VAL A 132 -3.10 -14.24 -2.45
C VAL A 132 -2.15 -15.11 -3.24
N LEU A 133 -1.84 -16.29 -2.68
CA LEU A 133 -0.95 -17.25 -3.31
C LEU A 133 -1.69 -18.44 -3.87
N SER A 134 -1.12 -19.03 -4.93
CA SER A 134 -1.61 -20.31 -5.45
C SER A 134 -1.26 -21.39 -4.44
N PRO A 135 -1.83 -22.60 -4.65
CA PRO A 135 -1.50 -23.78 -3.84
C PRO A 135 -0.03 -24.20 -3.91
N GLU A 136 0.73 -23.64 -4.85
CA GLU A 136 2.17 -23.90 -4.97
C GLU A 136 3.02 -22.71 -4.51
N LEU A 137 2.38 -21.76 -3.82
CA LEU A 137 3.05 -20.56 -3.26
C LEU A 137 3.41 -19.48 -4.28
N GLN A 138 2.80 -19.53 -5.46
CA GLN A 138 3.04 -18.47 -6.44
C GLN A 138 2.16 -17.27 -6.12
N ILE A 139 2.74 -16.06 -6.16
CA ILE A 139 1.98 -14.85 -5.90
C ILE A 139 1.03 -14.58 -7.09
N LYS A 140 -0.28 -14.61 -6.81
CA LYS A 140 -1.29 -14.49 -7.87
C LYS A 140 -2.07 -13.20 -7.86
N ASP A 141 -2.15 -12.54 -6.70
CA ASP A 141 -2.84 -11.26 -6.62
C ASP A 141 -2.41 -10.52 -5.38
N TYR A 142 -2.48 -9.18 -5.48
CA TYR A 142 -2.35 -8.30 -4.35
C TYR A 142 -3.61 -7.45 -4.24
N ILE A 143 -4.15 -7.40 -3.03
CA ILE A 143 -5.35 -6.61 -2.73
C ILE A 143 -4.92 -5.53 -1.75
N TYR A 144 -5.04 -4.26 -2.14
CA TYR A 144 -4.54 -3.16 -1.31
C TYR A 144 -5.65 -2.39 -0.63
N GLY A 145 -5.26 -1.74 0.46
CA GLY A 145 -6.16 -0.90 1.22
C GLY A 145 -6.70 -1.58 2.45
N VAL A 146 -7.80 -1.04 2.99
CA VAL A 146 -8.30 -1.51 4.29
C VAL A 146 -9.78 -1.79 4.25
N ASN A 147 -10.39 -1.61 3.08
CA ASN A 147 -11.84 -1.74 2.91
C ASN A 147 -12.12 -2.67 1.74
N TYR A 148 -12.13 -3.97 2.04
CA TYR A 148 -12.12 -5.00 1.00
C TYR A 148 -13.50 -5.23 0.44
N ASN A 149 -13.57 -5.46 -0.88
CA ASN A 149 -14.81 -5.91 -1.49
C ASN A 149 -14.81 -7.37 -1.92
N TYR A 150 -16.01 -7.94 -1.92
CA TYR A 150 -16.19 -9.34 -2.18
C TYR A 150 -15.63 -9.76 -3.55
N LEU A 151 -15.97 -9.00 -4.59
CA LEU A 151 -15.63 -9.40 -5.96
C LEU A 151 -14.11 -9.52 -6.14
N GLU A 152 -13.36 -8.56 -5.60
CA GLU A 152 -11.90 -8.61 -5.74
C GLU A 152 -11.27 -9.86 -5.10
N PHE A 153 -11.84 -10.31 -3.98
CA PHE A 153 -11.38 -11.53 -3.34
C PHE A 153 -11.79 -12.78 -4.09
N VAL A 154 -13.03 -12.80 -4.60
CA VAL A 154 -13.46 -13.92 -5.44
C VAL A 154 -12.53 -14.05 -6.64
N ASN A 155 -12.27 -12.93 -7.29
CA ASN A 155 -11.38 -12.93 -8.46
C ASN A 155 -9.96 -13.39 -8.12
N ALA A 156 -9.46 -12.97 -6.96
CA ALA A 156 -8.11 -13.36 -6.55
C ALA A 156 -8.02 -14.86 -6.29
N LEU A 157 -9.04 -15.42 -5.64
CA LEU A 157 -9.06 -16.85 -5.35
C LEU A 157 -9.19 -17.67 -6.63
N ARG A 158 -9.99 -17.20 -7.58
CA ARG A 158 -10.03 -17.86 -8.90
C ARG A 158 -8.67 -17.88 -9.58
N LEU A 159 -7.99 -16.74 -9.59
CA LEU A 159 -6.62 -16.69 -10.13
C LEU A 159 -5.68 -17.66 -9.42
N ALA A 160 -5.80 -17.72 -8.09
CA ALA A 160 -4.99 -18.64 -7.28
C ALA A 160 -5.19 -20.09 -7.69
N ARG A 161 -6.42 -20.44 -8.07
CA ARG A 161 -6.76 -21.79 -8.48
C ARG A 161 -6.54 -22.04 -9.97
N GLY A 162 -5.99 -21.06 -10.68
CA GLY A 162 -5.77 -21.15 -12.12
C GLY A 162 -7.07 -21.12 -12.92
N GLU A 163 -8.04 -20.38 -12.40
CA GLU A 163 -9.38 -20.25 -13.00
C GLU A 163 -9.67 -18.82 -13.41
N GLY A 164 -10.83 -18.61 -14.03
CA GLY A 164 -11.27 -17.28 -14.46
C GLY A 164 -10.43 -16.66 -15.56
N HIS A 165 -9.89 -17.50 -16.44
CA HIS A 165 -9.02 -17.04 -17.54
C HIS A 165 -9.54 -17.30 -18.95
N HIS A 166 -10.65 -18.04 -19.09
CA HIS A 166 -11.06 -18.50 -20.42
C HIS A 166 -11.80 -17.45 -21.25
N HIS A 167 -12.05 -16.29 -20.65
CA HIS A 167 -12.63 -15.16 -21.36
C HIS A 167 -11.62 -14.53 -22.32
N HIS A 168 -10.34 -14.92 -22.17
CA HIS A 168 -9.23 -14.33 -22.92
C HIS A 168 -8.30 -15.44 -23.42
N HIS A 169 -7.65 -15.21 -24.57
CA HIS A 169 -6.83 -16.22 -25.24
C HIS A 169 -5.47 -16.50 -24.56
N HIS A 170 -5.13 -15.71 -23.54
CA HIS A 170 -3.97 -16.00 -22.70
C HIS A 170 -4.45 -16.39 -21.30
N SER B 2 -11.46 14.79 -12.92
CA SER B 2 -12.71 15.38 -12.37
C SER B 2 -13.09 14.76 -11.03
N LEU B 3 -13.84 15.50 -10.21
CA LEU B 3 -14.32 14.97 -8.94
C LEU B 3 -15.08 13.66 -9.13
N GLY B 4 -14.81 12.71 -8.27
CA GLY B 4 -15.49 11.41 -8.30
C GLY B 4 -14.85 10.39 -9.22
N THR B 5 -13.93 10.82 -10.08
CA THR B 5 -13.12 9.92 -10.92
C THR B 5 -12.23 9.07 -10.01
N TYR B 6 -12.07 7.79 -10.33
CA TYR B 6 -11.04 6.96 -9.68
C TYR B 6 -9.76 7.01 -10.50
N VAL B 7 -8.65 7.42 -9.87
CA VAL B 7 -7.35 7.40 -10.55
C VAL B 7 -6.92 5.93 -10.73
N PRO B 8 -6.56 5.51 -11.96
CA PRO B 8 -6.21 4.09 -12.18
C PRO B 8 -5.11 3.62 -11.23
N GLY B 9 -5.37 2.47 -10.58
CA GLY B 9 -4.45 1.92 -9.59
C GLY B 9 -3.17 1.37 -10.19
N ASP B 10 -3.21 1.01 -11.46
CA ASP B 10 -2.07 0.36 -12.11
C ASP B 10 -1.01 1.33 -12.68
N ILE B 11 -1.19 2.62 -12.44
CA ILE B 11 -0.18 3.59 -12.79
C ILE B 11 1.11 3.28 -12.01
N THR B 12 2.19 3.08 -12.75
CA THR B 12 3.46 2.72 -12.13
C THR B 12 4.35 3.94 -11.93
N LEU B 13 4.77 4.11 -10.68
CA LEU B 13 5.60 5.22 -10.27
C LEU B 13 6.96 4.74 -9.77
N VAL B 14 7.91 5.66 -9.78
CA VAL B 14 9.24 5.37 -9.23
C VAL B 14 9.63 6.49 -8.27
N ASP B 15 9.96 6.12 -7.03
CA ASP B 15 10.31 7.16 -6.06
C ASP B 15 11.78 7.56 -6.19
N SER B 16 12.20 8.54 -5.39
CA SER B 16 13.54 9.10 -5.52
C SER B 16 14.66 8.14 -5.08
N TYR B 17 14.28 6.99 -4.51
CA TYR B 17 15.22 5.91 -4.15
C TYR B 17 15.25 4.81 -5.22
N GLY B 18 14.42 4.93 -6.24
CA GLY B 18 14.36 3.93 -7.32
C GLY B 18 13.39 2.80 -7.03
N ASN B 19 12.63 2.92 -5.95
CA ASN B 19 11.58 1.94 -5.63
C ASN B 19 10.43 2.10 -6.63
N GLU B 20 10.10 1.00 -7.31
CA GLU B 20 8.99 0.97 -8.26
CA GLU B 20 8.98 1.01 -8.25
C GLU B 20 7.73 0.51 -7.54
N PHE B 21 6.63 1.24 -7.69
CA PHE B 21 5.39 0.83 -7.07
C PHE B 21 4.22 1.34 -7.89
N GLN B 22 3.09 0.68 -7.77
CA GLN B 22 1.90 1.19 -8.42
C GLN B 22 1.10 2.04 -7.45
N LEU B 23 0.27 2.91 -8.00
CA LEU B 23 -0.47 3.85 -7.18
C LEU B 23 -1.37 3.14 -6.16
N LYS B 24 -1.95 2.02 -6.59
CA LYS B 24 -2.82 1.24 -5.70
C LYS B 24 -2.09 0.76 -4.43
N ASN B 25 -0.76 0.74 -4.46
CA ASN B 25 -0.01 0.31 -3.29
CA ASN B 25 0.01 0.33 -3.26
C ASN B 25 -0.21 1.27 -2.10
N LEU B 26 -0.70 2.47 -2.39
CA LEU B 26 -0.92 3.49 -1.35
C LEU B 26 -2.33 3.46 -0.77
N LYS B 27 -3.18 2.56 -1.27
CA LYS B 27 -4.58 2.56 -0.81
C LYS B 27 -4.71 2.37 0.69
N GLY B 28 -5.76 2.97 1.25
CA GLY B 28 -6.11 2.80 2.67
C GLY B 28 -5.96 4.04 3.52
N LYS B 29 -5.35 5.07 2.95
CA LYS B 29 -5.23 6.41 3.56
C LYS B 29 -5.51 7.44 2.49
N PRO B 30 -5.96 8.65 2.87
CA PRO B 30 -6.06 9.73 1.89
C PRO B 30 -4.68 10.03 1.29
N ILE B 31 -4.70 10.53 0.06
CA ILE B 31 -3.46 10.86 -0.63
C ILE B 31 -3.50 12.29 -1.07
N ILE B 32 -2.50 13.06 -0.68
CA ILE B 32 -2.34 14.42 -1.15
C ILE B 32 -1.33 14.39 -2.28
N LEU B 33 -1.81 14.67 -3.49
CA LEU B 33 -1.02 14.54 -4.71
C LEU B 33 -0.65 15.92 -5.21
N SER B 34 0.65 16.17 -5.36
CA SER B 34 1.15 17.49 -5.75
C SER B 34 1.98 17.35 -7.06
N PRO B 35 1.32 17.57 -8.22
CA PRO B 35 2.01 17.54 -9.50
C PRO B 35 2.87 18.77 -9.64
N ILE B 36 4.14 18.55 -10.00
CA ILE B 36 5.11 19.62 -10.15
C ILE B 36 6.04 19.36 -11.33
N TYR B 37 6.83 20.37 -11.66
CA TYR B 37 8.08 20.22 -12.42
C TYR B 37 9.19 20.45 -11.40
N THR B 38 10.30 19.73 -11.51
CA THR B 38 11.43 19.92 -10.58
C THR B 38 12.36 21.05 -11.03
N HIS B 39 12.32 21.37 -12.33
CA HIS B 39 13.07 22.48 -12.91
C HIS B 39 12.10 23.65 -13.08
N CYS B 40 12.42 24.80 -12.54
CA CYS B 40 11.68 26.03 -12.86
C CYS B 40 12.47 27.32 -13.06
N ARG B 41 12.26 27.98 -14.21
CA ARG B 41 12.91 29.26 -14.50
C ARG B 41 11.86 30.39 -14.67
N ALA B 42 10.58 30.03 -14.67
CA ALA B 42 9.48 30.92 -15.03
C ALA B 42 8.73 31.57 -13.89
N ALA B 43 7.41 31.63 -14.04
CA ALA B 43 6.61 32.12 -12.97
C ALA B 43 6.32 30.89 -12.10
N CYS B 44 7.34 30.40 -11.41
CA CYS B 44 7.28 29.21 -10.58
C CYS B 44 6.40 29.38 -9.34
N PRO B 45 5.46 28.49 -9.12
CA PRO B 45 4.53 28.65 -8.00
C PRO B 45 5.10 28.24 -6.64
N LEU B 46 6.23 27.52 -6.63
CA LEU B 46 6.89 27.05 -5.39
C LEU B 46 5.90 26.38 -4.43
N ILE B 47 5.17 25.40 -4.97
CA ILE B 47 4.10 24.71 -4.26
C ILE B 47 4.64 23.91 -3.07
N THR B 48 5.78 23.24 -3.27
CA THR B 48 6.38 22.38 -2.27
C THR B 48 6.76 23.16 -1.01
N LYS B 49 7.36 24.33 -1.22
CA LYS B 49 7.72 25.27 -0.15
C LYS B 49 6.49 25.60 0.72
N SER B 50 5.36 25.87 0.08
CA SER B 50 4.13 26.15 0.80
C SER B 50 3.55 24.92 1.46
N LEU B 51 3.61 23.78 0.77
CA LEU B 51 3.12 22.55 1.38
C LEU B 51 3.89 22.17 2.62
N LEU B 52 5.19 22.45 2.65
CA LEU B 52 6.01 22.14 3.81
C LEU B 52 5.56 22.88 5.06
N LYS B 53 4.84 23.98 4.87
CA LYS B 53 4.32 24.78 5.99
C LYS B 53 2.93 24.38 6.46
N VAL B 54 2.19 23.68 5.60
CA VAL B 54 0.81 23.27 5.92
C VAL B 54 0.76 21.81 6.40
N ILE B 55 1.38 20.94 5.62
CA ILE B 55 1.30 19.49 5.87
C ILE B 55 1.55 19.08 7.32
N PRO B 56 2.65 19.55 7.95
CA PRO B 56 2.91 19.06 9.30
C PRO B 56 1.84 19.42 10.33
N LYS B 57 1.07 20.47 10.07
CA LYS B 57 -0.02 20.89 10.98
C LYS B 57 -1.24 19.98 10.84
N LEU B 58 -1.41 19.40 9.64
CA LEU B 58 -2.58 18.58 9.36
C LEU B 58 -2.53 17.23 10.04
N GLY B 59 -1.33 16.68 10.16
CA GLY B 59 -1.17 15.33 10.68
C GLY B 59 0.19 14.78 10.31
N THR B 60 0.34 13.46 10.37
CA THR B 60 1.61 12.82 10.13
C THR B 60 1.64 12.05 8.81
N PRO B 61 2.49 12.49 7.86
CA PRO B 61 2.58 11.75 6.59
C PRO B 61 2.98 10.31 6.84
N GLY B 62 2.34 9.41 6.09
CA GLY B 62 2.57 7.98 6.25
C GLY B 62 1.64 7.32 7.24
N LYS B 63 0.98 8.13 8.08
CA LYS B 63 0.03 7.62 9.07
C LYS B 63 -1.38 8.13 8.80
N ASP B 64 -1.54 9.46 8.81
CA ASP B 64 -2.87 10.06 8.60
C ASP B 64 -3.23 10.22 7.12
N PHE B 65 -2.20 10.28 6.26
CA PHE B 65 -2.36 10.45 4.81
C PHE B 65 -0.98 10.26 4.18
N TRP B 66 -0.93 10.00 2.88
CA TRP B 66 0.31 10.00 2.10
C TRP B 66 0.44 11.34 1.44
N VAL B 67 1.68 11.84 1.26
CA VAL B 67 1.92 13.01 0.44
C VAL B 67 2.82 12.56 -0.69
N ILE B 68 2.38 12.81 -1.92
CA ILE B 68 3.12 12.39 -3.10
C ILE B 68 3.38 13.60 -3.99
N THR B 69 4.65 14.01 -4.05
CA THR B 69 5.10 15.05 -4.97
C THR B 69 5.46 14.30 -6.25
N PHE B 70 4.80 14.67 -7.35
CA PHE B 70 4.89 13.91 -8.60
C PHE B 70 5.35 14.85 -9.69
N THR B 71 6.52 14.58 -10.27
CA THR B 71 6.97 15.39 -11.39
C THR B 71 6.22 14.91 -12.62
N PHE B 72 5.64 15.87 -13.35
CA PHE B 72 4.99 15.53 -14.62
C PHE B 72 5.79 16.03 -15.84
N ASP B 73 7.05 16.39 -15.61
CA ASP B 73 7.99 16.72 -16.69
C ASP B 73 8.57 15.43 -17.26
N PRO B 74 8.25 15.10 -18.53
CA PRO B 74 8.69 13.83 -19.14
C PRO B 74 10.22 13.66 -19.19
N LYS B 75 10.94 14.76 -19.08
CA LYS B 75 12.39 14.77 -19.14
C LYS B 75 13.08 14.55 -17.80
N ASP B 76 12.31 14.65 -16.72
CA ASP B 76 12.87 14.44 -15.38
C ASP B 76 13.26 12.99 -15.18
N THR B 77 14.44 12.79 -14.60
CA THR B 77 14.96 11.47 -14.32
C THR B 77 14.99 11.22 -12.82
N LEU B 78 15.42 10.01 -12.44
CA LEU B 78 15.61 9.63 -11.05
C LEU B 78 16.58 10.55 -10.32
N GLU B 79 17.64 10.97 -11.01
CA GLU B 79 18.58 11.96 -10.50
C GLU B 79 17.89 13.30 -10.19
N ASP B 80 16.94 13.70 -11.03
CA ASP B 80 16.25 14.97 -10.83
C ASP B 80 15.35 14.94 -9.59
N ILE B 81 14.64 13.84 -9.40
CA ILE B 81 13.75 13.76 -8.23
C ILE B 81 14.51 13.56 -6.92
N LYS B 82 15.66 12.87 -7.01
CA LYS B 82 16.53 12.71 -5.83
C LYS B 82 17.08 14.05 -5.37
N ARG B 83 17.53 14.85 -6.34
CA ARG B 83 18.04 16.19 -6.05
C ARG B 83 16.95 17.06 -5.45
N PHE B 84 15.75 17.00 -6.02
CA PHE B 84 14.61 17.76 -5.52
C PHE B 84 14.27 17.35 -4.08
N GLN B 85 14.19 16.04 -3.84
CA GLN B 85 13.93 15.53 -2.50
C GLN B 85 14.93 16.09 -1.48
N LYS B 86 16.22 16.02 -1.81
CA LYS B 86 17.23 16.44 -0.88
C LYS B 86 17.19 17.95 -0.67
N GLU B 87 16.95 18.69 -1.76
CA GLU B 87 16.85 20.15 -1.68
C GLU B 87 15.75 20.60 -0.70
N TYR B 88 14.62 19.89 -0.70
CA TYR B 88 13.49 20.29 0.12
C TYR B 88 13.41 19.60 1.47
N GLY B 89 14.34 18.68 1.72
CA GLY B 89 14.38 17.93 2.99
C GLY B 89 13.22 16.97 3.17
N ILE B 90 12.62 16.53 2.07
CA ILE B 90 11.49 15.61 2.12
C ILE B 90 12.01 14.25 2.55
N ASP B 91 11.32 13.62 3.48
CA ASP B 91 11.78 12.35 3.98
C ASP B 91 11.76 11.13 3.13
N GLY B 92 10.86 11.08 2.19
CA GLY B 92 10.75 9.92 1.34
C GLY B 92 10.04 8.78 2.01
N LYS B 93 9.43 9.05 3.13
CA LYS B 93 8.74 8.02 3.87
C LYS B 93 7.24 8.25 3.67
N GLY B 94 6.64 9.01 4.52
CA GLY B 94 5.26 9.40 4.40
C GLY B 94 5.05 10.38 3.25
N TRP B 95 6.08 11.12 2.98
CA TRP B 95 6.05 12.09 1.90
C TRP B 95 7.09 11.62 0.88
N LYS B 96 6.63 11.28 -0.32
CA LYS B 96 7.51 10.77 -1.37
C LYS B 96 7.64 11.75 -2.54
N VAL B 97 8.77 11.67 -3.22
CA VAL B 97 8.97 12.37 -4.49
C VAL B 97 9.09 11.29 -5.54
N VAL B 98 8.22 11.34 -6.54
CA VAL B 98 8.11 10.28 -7.54
C VAL B 98 8.03 10.80 -8.97
N LYS B 99 8.38 9.92 -9.91
CA LYS B 99 8.16 10.15 -11.34
C LYS B 99 7.36 8.98 -11.91
N ALA B 100 6.77 9.19 -13.08
CA ALA B 100 6.16 8.09 -13.83
C ALA B 100 7.23 7.15 -14.34
N LYS B 101 6.95 5.85 -14.33
CA LYS B 101 7.94 4.89 -14.87
C LYS B 101 8.10 5.03 -16.38
N THR B 102 6.98 5.18 -17.09
CA THR B 102 6.98 5.33 -18.54
C THR B 102 6.08 6.49 -18.95
N SER B 103 6.19 6.90 -20.20
CA SER B 103 5.28 7.90 -20.74
C SER B 103 3.80 7.54 -20.55
N GLU B 104 3.41 6.29 -20.78
CA GLU B 104 2.03 5.85 -20.62
CA GLU B 104 2.01 5.92 -20.64
C GLU B 104 1.54 6.14 -19.19
N ASP B 105 2.41 5.83 -18.23
CA ASP B 105 2.06 6.07 -16.81
C ASP B 105 1.79 7.53 -16.56
N LEU B 106 2.66 8.38 -17.12
CA LEU B 106 2.55 9.83 -16.94
C LEU B 106 1.24 10.37 -17.49
N PHE B 107 0.91 9.98 -18.71
CA PHE B 107 -0.27 10.53 -19.34
C PHE B 107 -1.54 9.89 -18.78
N LYS B 108 -1.46 8.65 -18.31
CA LYS B 108 -2.62 8.06 -17.60
C LYS B 108 -2.96 8.88 -16.36
N LEU B 109 -1.94 9.30 -15.62
CA LEU B 109 -2.14 10.11 -14.42
C LEU B 109 -2.67 11.50 -14.76
N LEU B 110 -2.03 12.17 -15.72
CA LEU B 110 -2.52 13.48 -16.16
C LEU B 110 -3.93 13.43 -16.68
N ASP B 111 -4.26 12.37 -17.42
CA ASP B 111 -5.63 12.17 -17.91
C ASP B 111 -6.63 12.03 -16.77
N ALA B 112 -6.31 11.20 -15.78
CA ALA B 112 -7.23 10.92 -14.69
C ALA B 112 -7.57 12.16 -13.88
N ILE B 113 -6.55 13.00 -13.66
CA ILE B 113 -6.76 14.19 -12.83
C ILE B 113 -7.22 15.35 -13.66
N ASP B 114 -7.38 15.09 -14.96
CA ASP B 114 -7.96 16.04 -15.90
C ASP B 114 -7.08 17.26 -16.14
N PHE B 115 -5.77 17.05 -16.19
CA PHE B 115 -4.84 18.09 -16.59
C PHE B 115 -4.77 18.18 -18.10
N ARG B 116 -4.68 19.41 -18.62
CA ARG B 116 -4.34 19.66 -20.03
C ARG B 116 -3.00 18.99 -20.37
N PHE B 117 -2.88 18.45 -21.58
CA PHE B 117 -1.58 17.90 -22.06
C PHE B 117 -0.79 19.08 -22.63
N MET B 118 0.16 19.58 -21.83
CA MET B 118 0.89 20.82 -22.17
C MET B 118 2.26 20.51 -22.77
N ILE B 125 7.27 24.97 -14.53
CA ILE B 125 6.22 24.61 -13.59
C ILE B 125 5.13 25.63 -13.61
N HIS B 126 3.94 25.30 -14.09
CA HIS B 126 2.93 26.29 -13.99
C HIS B 126 1.55 26.01 -13.41
N PRO B 127 0.99 24.82 -13.53
CA PRO B 127 -0.25 24.59 -12.81
C PRO B 127 0.03 24.70 -11.32
N ASN B 128 -0.90 25.21 -10.56
CA ASN B 128 -0.72 25.45 -9.15
C ASN B 128 -1.87 24.75 -8.42
N VAL B 129 -1.87 23.42 -8.46
CA VAL B 129 -2.98 22.65 -7.90
C VAL B 129 -2.49 21.43 -7.13
N VAL B 130 -3.22 21.12 -6.06
CA VAL B 130 -2.98 19.90 -5.29
C VAL B 130 -4.26 19.07 -5.40
N VAL B 131 -4.12 17.77 -5.63
CA VAL B 131 -5.28 16.89 -5.78
C VAL B 131 -5.38 15.97 -4.56
N VAL B 132 -6.57 15.87 -3.97
CA VAL B 132 -6.73 15.04 -2.79
C VAL B 132 -7.59 13.83 -3.14
N LEU B 133 -7.03 12.64 -2.89
CA LEU B 133 -7.69 11.38 -3.20
C LEU B 133 -8.15 10.71 -1.95
N SER B 134 -9.27 9.99 -2.06
CA SER B 134 -9.72 9.07 -1.00
C SER B 134 -8.78 7.87 -0.86
N PRO B 135 -8.96 7.09 0.23
CA PRO B 135 -8.18 5.86 0.40
C PRO B 135 -8.38 4.85 -0.73
N GLU B 136 -9.42 5.03 -1.55
CA GLU B 136 -9.64 4.17 -2.70
C GLU B 136 -9.27 4.82 -4.03
N LEU B 137 -8.50 5.91 -3.95
CA LEU B 137 -8.01 6.67 -5.13
C LEU B 137 -9.08 7.50 -5.84
N GLN B 138 -10.19 7.77 -5.18
CA GLN B 138 -11.22 8.59 -5.81
C GLN B 138 -10.85 10.05 -5.62
N ILE B 139 -10.96 10.85 -6.69
CA ILE B 139 -10.66 12.26 -6.57
C ILE B 139 -11.76 12.94 -5.77
N LYS B 140 -11.35 13.59 -4.68
CA LYS B 140 -12.28 14.14 -3.72
C LYS B 140 -12.20 15.65 -3.63
N ASP B 141 -11.06 16.23 -4.01
CA ASP B 141 -10.97 17.69 -4.03
C ASP B 141 -9.77 18.16 -4.88
N TYR B 142 -9.86 19.39 -5.38
CA TYR B 142 -8.76 20.10 -6.03
C TYR B 142 -8.56 21.40 -5.28
N ILE B 143 -7.32 21.62 -4.86
CA ILE B 143 -6.94 22.83 -4.14
C ILE B 143 -6.04 23.69 -5.03
N TYR B 144 -6.52 24.88 -5.36
CA TYR B 144 -5.84 25.80 -6.28
C TYR B 144 -5.04 26.82 -5.51
N GLY B 145 -3.77 26.53 -5.32
CA GLY B 145 -2.90 27.37 -4.52
C GLY B 145 -2.80 26.90 -3.07
N VAL B 146 -1.59 26.94 -2.54
CA VAL B 146 -1.31 26.62 -1.15
C VAL B 146 -0.70 27.87 -0.49
N ASN B 147 -1.39 28.40 0.51
CA ASN B 147 -0.93 29.56 1.23
C ASN B 147 -1.55 29.59 2.62
N TYR B 148 -1.07 28.74 3.50
CA TYR B 148 -1.57 28.69 4.86
C TYR B 148 -3.05 28.45 4.90
N ASN B 149 -3.55 27.72 3.91
CA ASN B 149 -4.98 27.46 3.82
C ASN B 149 -5.29 26.17 4.56
N TYR B 150 -5.09 26.20 5.89
CA TYR B 150 -5.24 24.99 6.71
C TYR B 150 -6.66 24.45 6.65
N LEU B 151 -7.65 25.33 6.73
CA LEU B 151 -9.04 24.87 6.77
C LEU B 151 -9.41 24.19 5.46
N GLU B 152 -8.96 24.73 4.32
CA GLU B 152 -9.21 24.08 3.03
C GLU B 152 -8.69 22.64 2.97
N PHE B 153 -7.49 22.44 3.55
CA PHE B 153 -6.87 21.11 3.58
C PHE B 153 -7.61 20.20 4.55
N VAL B 154 -7.99 20.72 5.72
CA VAL B 154 -8.82 19.95 6.66
C VAL B 154 -10.10 19.47 5.99
N ASN B 155 -10.78 20.39 5.29
CA ASN B 155 -12.00 20.04 4.62
C ASN B 155 -11.78 18.99 3.52
N ALA B 156 -10.69 19.15 2.77
CA ALA B 156 -10.37 18.19 1.72
C ALA B 156 -10.10 16.80 2.30
N LEU B 157 -9.40 16.76 3.43
CA LEU B 157 -9.17 15.48 4.11
C LEU B 157 -10.45 14.86 4.66
N ARG B 158 -11.35 15.70 5.15
CA ARG B 158 -12.68 15.24 5.59
C ARG B 158 -13.42 14.63 4.39
N LEU B 159 -13.38 15.31 3.23
CA LEU B 159 -14.03 14.79 2.03
C LEU B 159 -13.38 13.47 1.61
N ALA B 160 -12.05 13.44 1.66
CA ALA B 160 -11.31 12.22 1.31
C ALA B 160 -11.71 11.03 2.19
N ARG B 161 -11.94 11.30 3.47
CA ARG B 161 -12.30 10.24 4.43
C ARG B 161 -13.79 9.87 4.47
N GLY B 162 -14.62 10.53 3.66
CA GLY B 162 -16.06 10.25 3.64
C GLY B 162 -16.79 10.81 4.84
N GLU B 163 -16.27 11.90 5.41
CA GLU B 163 -16.86 12.56 6.57
C GLU B 163 -17.52 13.89 6.21
#